data_1EAI
#
_entry.id   1EAI
#
_cell.length_a   84.020
_cell.length_b   84.020
_cell.length_c   190.930
_cell.angle_alpha   90.00
_cell.angle_beta   90.00
_cell.angle_gamma   120.00
#
_symmetry.space_group_name_H-M   'P 32 2 1'
#
loop_
_entity.id
_entity.type
_entity.pdbx_description
1 polymer 'PROTEIN (ELASTASE)'
2 polymer 'PROTEIN (CHYMOTRYPSIN/ELASTASE ISOINHIBITOR 1)'
3 water water
#
loop_
_entity_poly.entity_id
_entity_poly.type
_entity_poly.pdbx_seq_one_letter_code
_entity_poly.pdbx_strand_id
1 'polypeptide(L)'
;VVGGTEAQRNSWPSQISLQYRSGSSWAHTCGGTLIRQNWVMTAAHCVDRELTFRVVVGEHNLNQNDGTEQYVGVQKIVVH
PYWNTDDVAAGYDIALLRLAQSVTLNSYVQLGVLPRAGTILANNSPCYITGWGLTRTNGQLAQTLQQAYLPTVDYAICSS
SSYWGSTVKNSMVCAGGDGVRSGCQGDSGGPLHCLVNGQYAVHGVTSFVSRLGCNVTRKPTVFTRVSAYISWINNVIASN
;
A,B
2 'polypeptide(L)' GQESCGPNEVWTECTGCEMKCGPDENTPCPLMCRRPSCECSPGRGMRRTNDGKCIPASQCP C,D
#
# COMPACT_ATOMS: atom_id res chain seq x y z
N VAL A 1 -1.31 -23.50 -9.74
CA VAL A 1 -0.59 -24.77 -9.82
C VAL A 1 0.06 -24.82 -11.15
N VAL A 2 1.40 -24.91 -11.07
CA VAL A 2 2.18 -25.13 -12.29
C VAL A 2 2.50 -26.61 -12.48
N GLY A 3 2.20 -27.15 -13.67
CA GLY A 3 2.46 -28.51 -14.07
C GLY A 3 1.48 -29.56 -13.57
N GLY A 4 0.17 -29.26 -13.50
CA GLY A 4 -0.76 -30.26 -13.04
C GLY A 4 -1.90 -30.48 -14.00
N THR A 5 -3.05 -30.96 -13.47
CA THR A 5 -4.25 -31.29 -14.22
C THR A 5 -5.55 -30.84 -13.50
N GLU A 6 -6.67 -30.87 -14.21
CA GLU A 6 -7.92 -30.50 -13.59
C GLU A 6 -8.46 -31.52 -12.61
N ALA A 7 -8.84 -31.06 -11.45
CA ALA A 7 -9.34 -32.08 -10.54
C ALA A 7 -10.68 -32.67 -10.95
N GLN A 8 -11.00 -33.86 -10.44
CA GLN A 8 -12.35 -34.41 -10.74
C GLN A 8 -13.31 -33.53 -9.92
N ARG A 9 -14.50 -33.27 -10.45
CA ARG A 9 -15.50 -32.41 -9.85
C ARG A 9 -15.66 -32.21 -8.35
N ASN A 10 -15.89 -33.17 -7.51
CA ASN A 10 -15.86 -32.52 -6.18
C ASN A 10 -15.05 -33.39 -5.23
N SER A 11 -13.86 -33.74 -5.69
CA SER A 11 -13.01 -34.69 -5.03
C SER A 11 -12.16 -34.21 -3.90
N TRP A 12 -12.15 -32.94 -3.61
CA TRP A 12 -11.41 -32.41 -2.49
C TRP A 12 -12.36 -31.52 -1.65
N PRO A 13 -13.44 -32.16 -1.17
CA PRO A 13 -14.55 -31.58 -0.40
C PRO A 13 -14.30 -30.52 0.66
N SER A 14 -13.15 -30.44 1.26
CA SER A 14 -12.95 -29.42 2.27
C SER A 14 -12.17 -28.20 1.81
N GLN A 15 -11.87 -28.09 0.49
CA GLN A 15 -11.23 -26.91 -0.10
C GLN A 15 -12.17 -25.65 -0.28
N ILE A 16 -11.70 -24.41 0.07
CA ILE A 16 -12.56 -23.26 -0.08
C ILE A 16 -11.89 -22.13 -0.84
N SER A 17 -12.65 -21.19 -1.40
CA SER A 17 -12.19 -20.00 -2.08
C SER A 17 -12.43 -18.80 -1.21
N LEU A 18 -11.39 -18.09 -0.87
CA LEU A 18 -11.57 -16.92 -0.05
C LEU A 18 -11.62 -15.70 -1.01
N GLN A 19 -12.76 -15.00 -1.08
CA GLN A 19 -12.99 -13.87 -1.94
C GLN A 19 -13.18 -12.54 -1.20
N TYR A 20 -12.88 -11.43 -1.91
CA TYR A 20 -13.00 -10.02 -1.39
C TYR A 20 -13.89 -9.14 -2.29
N ARG A 21 -14.59 -8.19 -1.62
CA ARG A 21 -15.51 -7.31 -2.36
C ARG A 21 -14.81 -6.35 -3.33
N SER A 22 -15.11 -6.47 -4.62
CA SER A 22 -14.48 -5.61 -5.58
C SER A 22 -15.49 -4.93 -6.51
N GLY A 23 -15.65 -3.58 -6.40
CA GLY A 23 -16.60 -2.88 -7.23
C GLY A 23 -17.98 -3.55 -7.16
N SER A 24 -18.46 -3.96 -8.32
CA SER A 24 -19.74 -4.65 -8.44
C SER A 24 -19.66 -6.12 -8.04
N SER A 25 -18.44 -6.71 -8.22
CA SER A 25 -18.14 -8.12 -7.89
C SER A 25 -17.35 -8.56 -6.63
N TRP A 26 -17.03 -9.87 -6.64
CA TRP A 26 -16.28 -10.56 -5.58
C TRP A 26 -15.07 -11.16 -6.23
N ALA A 27 -13.87 -10.87 -5.69
CA ALA A 27 -12.68 -11.41 -6.33
C ALA A 27 -11.86 -12.45 -5.49
N HIS A 28 -11.46 -13.60 -6.15
CA HIS A 28 -10.62 -14.66 -5.54
C HIS A 28 -9.30 -14.12 -5.07
N THR A 29 -8.88 -14.38 -3.87
CA THR A 29 -7.59 -13.89 -3.47
C THR A 29 -6.72 -15.04 -2.78
N CYS A 30 -7.31 -16.13 -2.21
CA CYS A 30 -6.57 -17.17 -1.51
C CYS A 30 -7.44 -18.42 -1.38
N GLY A 31 -6.79 -19.50 -0.91
CA GLY A 31 -7.52 -20.73 -0.65
C GLY A 31 -7.56 -20.93 0.89
N GLY A 32 -8.17 -22.06 1.42
CA GLY A 32 -8.09 -22.21 2.91
C GLY A 32 -8.76 -23.55 3.20
N THR A 33 -8.90 -24.02 4.47
CA THR A 33 -9.59 -25.38 4.52
C THR A 33 -10.74 -25.37 5.52
N LEU A 34 -11.84 -26.05 5.25
CA LEU A 34 -12.97 -26.10 6.21
C LEU A 34 -12.69 -27.01 7.34
N ILE A 35 -12.61 -26.49 8.57
CA ILE A 35 -12.37 -27.36 9.73
C ILE A 35 -13.53 -27.71 10.70
N ARG A 36 -14.59 -26.91 10.66
CA ARG A 36 -15.80 -27.11 11.46
C ARG A 36 -16.90 -26.52 10.62
N GLN A 37 -18.13 -26.47 11.11
CA GLN A 37 -19.24 -25.95 10.34
C GLN A 37 -19.22 -24.48 10.18
N ASN A 38 -18.53 -23.89 11.13
CA ASN A 38 -18.37 -22.45 11.19
C ASN A 38 -16.92 -21.96 11.38
N TRP A 39 -15.93 -22.86 11.09
CA TRP A 39 -14.52 -22.45 11.10
C TRP A 39 -13.73 -22.92 9.85
N VAL A 40 -12.80 -22.02 9.47
CA VAL A 40 -11.86 -22.22 8.36
C VAL A 40 -10.42 -21.86 8.66
N MET A 41 -9.47 -22.73 8.16
CA MET A 41 -8.00 -22.58 8.27
C MET A 41 -7.36 -21.86 7.07
N THR A 42 -6.62 -20.75 7.31
CA THR A 42 -5.99 -20.07 6.19
C THR A 42 -4.64 -19.49 6.57
N ALA A 43 -4.10 -18.61 5.74
CA ALA A 43 -2.76 -18.04 6.06
C ALA A 43 -2.79 -16.62 6.64
N ALA A 44 -1.86 -16.23 7.55
CA ALA A 44 -1.96 -14.88 8.09
C ALA A 44 -1.85 -13.74 7.05
N HIS A 45 -0.93 -13.87 6.11
CA HIS A 45 -0.76 -12.87 5.09
C HIS A 45 -1.98 -12.73 4.17
N CYS A 46 -2.93 -13.65 4.23
CA CYS A 46 -4.09 -13.47 3.35
C CYS A 46 -5.11 -12.45 3.93
N VAL A 47 -5.08 -12.28 5.26
CA VAL A 47 -6.08 -11.51 5.95
C VAL A 47 -5.55 -10.41 6.80
N ASP A 48 -4.32 -10.03 6.54
CA ASP A 48 -3.60 -8.98 7.25
C ASP A 48 -4.19 -7.57 7.28
N ARG A 49 -5.09 -7.31 6.34
CA ARG A 49 -5.66 -6.01 6.13
C ARG A 49 -7.17 -5.93 6.06
N GLU A 50 -7.54 -4.66 6.15
CA GLU A 50 -8.90 -4.20 6.13
C GLU A 50 -9.53 -4.46 4.82
N LEU A 51 -10.40 -5.44 4.85
CA LEU A 51 -11.16 -5.82 3.68
C LEU A 51 -12.45 -6.52 4.19
N THR A 52 -13.38 -6.71 3.25
CA THR A 52 -14.65 -7.38 3.45
C THR A 52 -14.52 -8.64 2.64
N PHE A 53 -14.64 -9.78 3.30
CA PHE A 53 -14.52 -11.09 2.70
C PHE A 53 -15.68 -12.01 2.92
N ARG A 54 -15.78 -13.00 2.01
CA ARG A 54 -16.78 -14.03 2.14
C ARG A 54 -16.05 -15.33 1.77
N VAL A 55 -16.74 -16.45 1.96
CA VAL A 55 -16.18 -17.77 1.60
C VAL A 55 -17.13 -18.62 0.75
N VAL A 56 -16.61 -19.53 -0.13
CA VAL A 56 -17.48 -20.42 -0.90
C VAL A 56 -17.05 -21.88 -0.81
N VAL A 57 -18.02 -22.76 -0.41
CA VAL A 57 -17.89 -24.21 -0.22
C VAL A 57 -18.53 -25.02 -1.35
N GLY A 58 -18.00 -26.20 -1.72
CA GLY A 58 -18.51 -26.96 -2.87
C GLY A 58 -18.31 -26.32 -4.23
N GLU A 59 -17.31 -25.40 -4.32
CA GLU A 59 -17.01 -24.77 -5.62
C GLU A 59 -16.16 -25.66 -6.56
N HIS A 60 -16.14 -25.34 -7.87
CA HIS A 60 -15.35 -25.99 -8.96
C HIS A 60 -14.94 -25.00 -10.05
N ASN A 61 -15.94 -24.44 -10.66
CA ASN A 61 -15.83 -23.42 -11.68
C ASN A 61 -16.24 -22.02 -11.14
N LEU A 62 -15.22 -21.21 -10.96
CA LEU A 62 -15.36 -19.88 -10.39
C LEU A 62 -16.27 -18.94 -11.17
N ASN A 63 -16.43 -19.25 -12.45
CA ASN A 63 -17.18 -18.46 -13.40
C ASN A 63 -18.59 -18.91 -13.61
N GLN A 64 -18.98 -19.91 -12.85
CA GLN A 64 -20.33 -20.35 -12.95
C GLN A 64 -20.82 -21.14 -11.80
N ASN A 65 -22.13 -21.09 -11.87
CA ASN A 65 -22.95 -21.65 -10.86
C ASN A 65 -23.51 -22.96 -11.32
N ASP A 66 -22.95 -24.02 -10.73
CA ASP A 66 -23.34 -25.39 -11.02
C ASP A 66 -24.41 -25.96 -10.05
N GLY A 67 -24.71 -25.34 -8.89
CA GLY A 67 -25.73 -25.94 -8.07
C GLY A 67 -25.19 -26.58 -6.83
N THR A 68 -23.86 -26.62 -6.69
CA THR A 68 -23.19 -27.24 -5.51
C THR A 68 -22.71 -26.22 -4.48
N GLU A 69 -22.63 -24.94 -4.81
CA GLU A 69 -22.04 -23.96 -3.93
C GLU A 69 -22.95 -23.49 -2.78
N GLN A 70 -22.28 -22.94 -1.73
CA GLN A 70 -22.88 -22.31 -0.58
C GLN A 70 -22.03 -21.04 -0.33
N TYR A 71 -22.61 -19.82 -0.39
CA TYR A 71 -21.82 -18.63 -0.17
C TYR A 71 -22.03 -18.10 1.22
N VAL A 72 -21.00 -17.89 2.07
CA VAL A 72 -21.16 -17.40 3.41
C VAL A 72 -20.21 -16.24 3.76
N GLY A 73 -20.63 -15.36 4.67
CA GLY A 73 -19.75 -14.26 5.10
C GLY A 73 -18.86 -14.60 6.28
N VAL A 74 -17.80 -13.80 6.37
CA VAL A 74 -16.81 -13.99 7.43
C VAL A 74 -17.12 -13.09 8.59
N GLN A 75 -17.27 -13.63 9.77
CA GLN A 75 -17.61 -12.77 10.88
C GLN A 75 -16.53 -12.38 11.87
N LYS A 76 -15.55 -13.26 12.08
CA LYS A 76 -14.47 -12.85 12.95
C LYS A 76 -13.11 -13.42 12.50
N ILE A 77 -12.03 -12.61 12.55
CA ILE A 77 -10.67 -13.03 12.21
C ILE A 77 -9.69 -13.14 13.37
N VAL A 78 -9.04 -14.31 13.46
CA VAL A 78 -8.01 -14.52 14.49
C VAL A 78 -6.74 -15.08 13.85
N VAL A 79 -5.73 -14.26 13.96
CA VAL A 79 -4.40 -14.45 13.48
C VAL A 79 -3.45 -14.86 14.61
N HIS A 80 -2.35 -15.57 14.28
CA HIS A 80 -1.38 -15.95 15.24
C HIS A 80 -0.72 -14.74 15.90
N PRO A 81 -0.52 -14.79 17.20
CA PRO A 81 0.00 -13.61 17.86
C PRO A 81 1.46 -13.30 17.65
N TYR A 82 2.21 -14.23 17.07
CA TYR A 82 3.61 -13.94 16.77
C TYR A 82 3.89 -13.50 15.34
N TRP A 83 2.89 -13.54 14.55
CA TRP A 83 3.00 -13.22 13.16
C TRP A 83 3.55 -11.86 12.99
N ASN A 84 4.45 -11.73 12.04
CA ASN A 84 5.03 -10.44 11.77
C ASN A 84 5.07 -10.31 10.28
N THR A 85 4.24 -9.37 9.80
CA THR A 85 4.03 -9.10 8.36
C THR A 85 5.29 -8.81 7.54
N ASP A 86 6.22 -8.21 8.23
CA ASP A 86 7.50 -7.77 7.73
C ASP A 86 8.50 -8.90 7.62
N ASP A 87 8.10 -10.12 8.07
CA ASP A 87 8.99 -11.27 8.01
C ASP A 87 8.37 -12.67 7.88
N VAL A 88 7.91 -13.08 6.68
CA VAL A 88 7.37 -14.41 6.40
C VAL A 88 8.30 -15.55 6.82
N ALA A 89 9.63 -15.37 6.64
CA ALA A 89 10.69 -16.34 6.91
C ALA A 89 10.74 -16.74 8.34
N ALA A 90 10.22 -15.91 9.17
CA ALA A 90 10.22 -16.29 10.57
C ALA A 90 9.13 -17.33 10.91
N GLY A 91 8.08 -17.51 10.10
CA GLY A 91 7.20 -18.61 10.51
C GLY A 91 5.93 -18.07 11.14
N TYR A 92 4.98 -18.93 11.63
CA TYR A 92 3.76 -18.37 12.23
C TYR A 92 2.69 -17.96 11.24
N ASP A 93 2.88 -18.29 9.98
CA ASP A 93 1.92 -17.88 8.97
C ASP A 93 0.63 -18.66 9.02
N ILE A 94 -0.20 -18.34 10.02
CA ILE A 94 -1.45 -19.06 10.13
C ILE A 94 -2.55 -18.26 10.89
N ALA A 95 -3.79 -18.39 10.40
CA ALA A 95 -4.97 -17.66 10.97
C ALA A 95 -6.25 -18.49 10.94
N LEU A 96 -7.20 -18.20 11.88
CA LEU A 96 -8.52 -18.84 11.97
C LEU A 96 -9.66 -17.84 11.71
N LEU A 97 -10.71 -18.29 11.02
CA LEU A 97 -11.85 -17.51 10.54
C LEU A 97 -13.19 -18.12 10.92
N ARG A 98 -13.99 -17.37 11.77
CA ARG A 98 -15.33 -17.77 12.24
C ARG A 98 -16.36 -17.23 11.25
N LEU A 99 -17.28 -18.10 10.83
CA LEU A 99 -18.32 -17.79 9.86
C LEU A 99 -19.60 -17.27 10.49
N ALA A 100 -20.30 -16.38 9.74
CA ALA A 100 -21.59 -15.85 10.18
C ALA A 100 -22.64 -16.93 10.41
N GLN A 101 -22.66 -18.05 9.68
CA GLN A 101 -23.58 -19.17 9.92
C GLN A 101 -22.88 -20.55 9.72
N SER A 102 -23.53 -21.66 10.06
CA SER A 102 -22.92 -22.95 9.87
C SER A 102 -23.31 -23.49 8.52
N VAL A 103 -22.39 -24.18 7.81
CA VAL A 103 -22.76 -24.71 6.51
C VAL A 103 -23.43 -26.05 6.67
N THR A 104 -24.07 -26.48 5.59
CA THR A 104 -24.68 -27.77 5.63
C THR A 104 -23.68 -28.81 5.06
N LEU A 105 -23.34 -29.88 5.78
CA LEU A 105 -22.46 -30.91 5.26
C LEU A 105 -23.18 -31.86 4.37
N ASN A 106 -22.51 -32.37 3.38
CA ASN A 106 -23.24 -33.26 2.52
C ASN A 106 -22.26 -33.95 1.61
N SER A 107 -22.73 -34.42 0.51
CA SER A 107 -21.78 -35.04 -0.33
C SER A 107 -20.73 -34.14 -0.97
N TYR A 108 -20.99 -32.86 -1.17
CA TYR A 108 -20.01 -32.02 -1.80
C TYR A 108 -19.24 -31.20 -0.79
N VAL A 109 -19.62 -31.25 0.50
CA VAL A 109 -18.98 -30.44 1.54
C VAL A 109 -18.76 -31.28 2.77
N GLN A 110 -17.48 -31.39 3.18
CA GLN A 110 -16.94 -32.20 4.26
C GLN A 110 -15.77 -31.53 4.96
N LEU A 111 -15.51 -31.86 6.21
CA LEU A 111 -14.39 -31.32 7.02
C LEU A 111 -13.00 -31.94 6.74
N GLY A 112 -11.93 -31.14 6.89
CA GLY A 112 -10.60 -31.65 6.70
C GLY A 112 -10.15 -32.31 7.96
N VAL A 113 -9.43 -33.40 7.86
CA VAL A 113 -8.89 -34.16 9.02
C VAL A 113 -7.50 -33.68 9.36
N LEU A 114 -7.21 -33.38 10.64
CA LEU A 114 -5.89 -32.87 10.99
C LEU A 114 -5.04 -34.00 11.56
N PRO A 115 -3.71 -33.85 11.53
CA PRO A 115 -2.73 -34.79 11.99
C PRO A 115 -2.53 -34.78 13.50
N ARG A 116 -1.99 -35.87 14.03
CA ARG A 116 -1.72 -36.01 15.46
C ARG A 116 -0.69 -34.97 15.89
N ALA A 117 -0.80 -34.40 17.07
CA ALA A 117 0.20 -33.38 17.43
C ALA A 117 1.69 -33.76 17.36
N GLY A 118 2.58 -32.93 16.79
CA GLY A 118 4.00 -33.27 16.68
C GLY A 118 4.47 -34.22 15.50
N THR A 119 3.58 -34.82 14.70
CA THR A 119 3.92 -35.70 13.59
C THR A 119 4.85 -35.06 12.52
N ILE A 120 5.80 -35.86 12.06
CA ILE A 120 6.77 -35.49 11.05
C ILE A 120 6.89 -36.55 9.96
N LEU A 121 6.87 -36.12 8.74
CA LEU A 121 6.98 -37.05 7.61
C LEU A 121 8.39 -37.43 7.12
N ALA A 122 8.46 -38.64 6.67
CA ALA A 122 9.71 -38.98 6.06
C ALA A 122 9.85 -38.37 4.67
N ASN A 123 11.13 -38.21 4.30
CA ASN A 123 11.63 -37.71 3.07
C ASN A 123 10.90 -38.46 1.99
N ASN A 124 10.50 -37.73 0.94
CA ASN A 124 9.80 -38.36 -0.15
C ASN A 124 8.41 -38.87 0.16
N SER A 125 7.70 -38.28 1.12
CA SER A 125 6.33 -38.81 1.29
C SER A 125 5.40 -38.21 0.24
N PRO A 126 4.42 -39.03 -0.18
CA PRO A 126 3.35 -38.80 -1.22
C PRO A 126 2.24 -37.81 -0.82
N CYS A 127 2.12 -36.68 -1.59
CA CYS A 127 1.21 -35.60 -1.27
C CYS A 127 0.76 -34.88 -2.52
N TYR A 128 -0.37 -34.19 -2.41
CA TYR A 128 -0.91 -33.39 -3.55
C TYR A 128 -1.19 -31.90 -3.20
N ILE A 129 -0.99 -30.92 -4.13
CA ILE A 129 -1.39 -29.56 -3.82
C ILE A 129 -2.61 -29.19 -4.72
N THR A 130 -3.60 -28.43 -4.22
CA THR A 130 -4.85 -27.99 -4.94
C THR A 130 -5.09 -26.48 -5.02
N GLY A 131 -5.69 -25.92 -6.11
CA GLY A 131 -5.89 -24.49 -6.10
C GLY A 131 -6.30 -23.89 -7.44
N TRP A 132 -6.66 -22.65 -7.30
CA TRP A 132 -7.06 -21.74 -8.41
C TRP A 132 -5.94 -20.74 -8.90
N GLY A 133 -4.69 -20.84 -8.47
CA GLY A 133 -3.58 -19.97 -8.82
C GLY A 133 -3.06 -20.14 -10.25
N LEU A 134 -2.14 -19.22 -10.63
CA LEU A 134 -1.51 -19.25 -11.94
C LEU A 134 -0.97 -20.60 -12.29
N THR A 135 -1.20 -20.89 -13.55
CA THR A 135 -0.73 -22.10 -14.16
C THR A 135 0.64 -21.88 -14.82
N ARG A 136 1.18 -20.68 -14.72
CA ARG A 136 2.52 -20.53 -15.29
C ARG A 136 3.13 -19.28 -14.71
N THR A 137 4.44 -19.24 -14.51
CA THR A 137 5.07 -18.02 -13.96
C THR A 137 4.76 -16.82 -14.84
N ASN A 138 4.26 -15.69 -14.28
CA ASN A 138 3.84 -14.57 -15.12
C ASN A 138 2.66 -14.98 -16.01
N GLY A 139 1.90 -16.07 -15.73
CA GLY A 139 0.72 -16.41 -16.56
C GLY A 139 -0.62 -15.83 -16.01
N GLN A 140 -1.72 -16.62 -16.09
CA GLN A 140 -3.01 -16.23 -15.53
C GLN A 140 -3.62 -17.27 -14.62
N LEU A 141 -4.61 -16.83 -13.84
CA LEU A 141 -5.40 -17.62 -12.93
C LEU A 141 -6.25 -18.72 -13.56
N ALA A 142 -6.36 -19.83 -12.85
CA ALA A 142 -7.18 -20.88 -13.43
C ALA A 142 -8.70 -20.65 -13.27
N GLN A 143 -9.46 -21.26 -14.16
CA GLN A 143 -10.90 -21.17 -14.09
C GLN A 143 -11.54 -22.33 -13.33
N THR A 144 -10.90 -23.48 -13.45
CA THR A 144 -11.28 -24.66 -12.70
C THR A 144 -10.19 -25.08 -11.71
N LEU A 145 -10.57 -25.98 -10.75
CA LEU A 145 -9.68 -26.46 -9.67
C LEU A 145 -8.58 -27.40 -10.22
N GLN A 146 -7.29 -27.10 -9.89
CA GLN A 146 -6.16 -27.91 -10.40
C GLN A 146 -5.51 -28.70 -9.28
N GLN A 147 -4.79 -29.79 -9.61
CA GLN A 147 -4.00 -30.55 -8.59
C GLN A 147 -2.67 -31.02 -9.20
N ALA A 148 -1.66 -31.20 -8.32
CA ALA A 148 -0.37 -31.78 -8.73
C ALA A 148 0.23 -32.67 -7.64
N TYR A 149 0.93 -33.80 -8.06
CA TYR A 149 1.67 -34.68 -7.18
C TYR A 149 2.94 -33.97 -6.69
N LEU A 150 3.13 -33.83 -5.41
CA LEU A 150 4.33 -33.15 -4.96
C LEU A 150 4.87 -33.88 -3.73
N PRO A 151 5.92 -34.74 -3.82
CA PRO A 151 6.50 -35.38 -2.61
C PRO A 151 7.41 -34.47 -1.80
N THR A 152 7.53 -34.81 -0.52
CA THR A 152 8.33 -34.05 0.42
C THR A 152 9.84 -34.21 0.34
N VAL A 153 10.48 -33.11 0.84
CA VAL A 153 11.93 -32.94 0.98
C VAL A 153 12.24 -32.65 2.46
N ASP A 154 12.90 -33.60 3.18
CA ASP A 154 13.12 -33.50 4.60
C ASP A 154 13.86 -32.30 5.10
N TYR A 155 13.77 -32.09 6.40
CA TYR A 155 14.39 -30.94 6.92
C TYR A 155 15.90 -30.87 6.63
N ALA A 156 16.65 -31.98 6.82
CA ALA A 156 18.09 -31.94 6.57
C ALA A 156 18.50 -31.48 5.16
N ILE A 157 17.81 -31.94 4.12
CA ILE A 157 18.16 -31.47 2.72
C ILE A 157 17.63 -30.07 2.43
N CYS A 158 16.41 -29.79 2.95
CA CYS A 158 15.78 -28.50 2.66
C CYS A 158 16.57 -27.28 3.14
N SER A 159 17.10 -27.41 4.37
CA SER A 159 17.88 -26.33 5.04
C SER A 159 19.37 -26.23 4.64
N SER A 160 19.79 -27.17 3.75
CA SER A 160 21.16 -27.20 3.22
C SER A 160 21.46 -26.03 2.32
N SER A 161 22.73 -25.75 2.17
CA SER A 161 23.19 -24.65 1.38
C SER A 161 22.85 -24.74 -0.06
N SER A 162 22.52 -25.92 -0.55
CA SER A 162 22.19 -25.96 -1.96
C SER A 162 20.72 -25.73 -2.20
N TYR A 163 19.94 -25.79 -1.12
CA TYR A 163 18.55 -25.59 -1.18
C TYR A 163 18.12 -24.20 -0.75
N TRP A 164 17.39 -24.15 0.42
CA TRP A 164 16.86 -22.92 1.00
C TRP A 164 17.75 -22.28 2.05
N GLY A 165 18.67 -23.05 2.63
CA GLY A 165 19.50 -22.42 3.65
C GLY A 165 18.76 -22.07 4.93
N SER A 166 19.16 -21.00 5.61
CA SER A 166 18.55 -20.69 6.86
C SER A 166 17.21 -20.02 6.81
N THR A 167 16.74 -19.75 5.60
CA THR A 167 15.43 -19.21 5.39
C THR A 167 14.39 -20.23 5.86
N VAL A 168 14.70 -21.51 5.84
CA VAL A 168 13.75 -22.50 6.28
C VAL A 168 13.85 -22.86 7.74
N LYS A 169 12.71 -22.99 8.49
CA LYS A 169 12.79 -23.38 9.89
C LYS A 169 12.14 -24.73 10.09
N ASN A 170 12.32 -25.30 11.28
CA ASN A 170 11.76 -26.63 11.59
C ASN A 170 10.22 -26.72 11.74
N SER A 171 9.63 -25.54 11.73
CA SER A 171 8.20 -25.34 11.87
C SER A 171 7.54 -25.32 10.51
N MET A 172 8.32 -25.58 9.44
CA MET A 172 7.75 -25.63 8.10
C MET A 172 7.94 -26.96 7.44
N VAL A 173 7.24 -27.16 6.32
CA VAL A 173 7.49 -28.36 5.55
C VAL A 173 7.82 -28.01 4.09
N CYS A 174 8.79 -28.72 3.36
CA CYS A 174 9.06 -28.43 1.94
C CYS A 174 8.50 -29.49 0.98
N ALA A 175 8.06 -29.19 -0.26
CA ALA A 175 7.61 -30.40 -1.16
C ALA A 175 7.86 -29.99 -2.58
N GLY A 176 8.14 -30.91 -3.55
CA GLY A 176 8.43 -30.44 -4.92
C GLY A 176 9.89 -29.97 -5.22
N GLY A 177 10.15 -29.02 -6.13
CA GLY A 177 11.55 -28.68 -6.39
C GLY A 177 12.24 -29.40 -7.60
N ASP A 178 11.50 -30.07 -8.39
CA ASP A 178 12.09 -30.67 -9.52
C ASP A 178 12.16 -29.66 -10.66
N GLY A 179 11.76 -28.41 -10.46
CA GLY A 179 11.83 -27.49 -11.60
C GLY A 179 10.69 -27.70 -12.55
N VAL A 180 9.85 -28.67 -12.29
CA VAL A 180 8.67 -28.83 -13.14
C VAL A 180 7.29 -28.52 -12.50
N ARG A 181 7.08 -28.89 -11.24
CA ARG A 181 5.77 -28.74 -10.63
C ARG A 181 5.81 -27.90 -9.37
N SER A 182 4.81 -26.99 -9.11
CA SER A 182 4.75 -26.23 -7.86
C SER A 182 3.47 -25.36 -7.71
N GLY A 183 3.37 -24.64 -6.53
CA GLY A 183 2.27 -23.70 -6.22
C GLY A 183 2.61 -22.41 -6.98
N CYS A 184 1.70 -21.48 -7.31
CA CYS A 184 2.03 -20.22 -8.04
C CYS A 184 1.04 -19.15 -7.52
N GLN A 185 1.23 -17.82 -7.72
CA GLN A 185 0.30 -16.81 -7.16
C GLN A 185 -1.20 -17.13 -7.27
N GLY A 186 -1.92 -16.97 -6.13
CA GLY A 186 -3.35 -17.29 -5.94
C GLY A 186 -3.60 -18.63 -5.22
N ASP A 187 -2.46 -19.30 -4.91
CA ASP A 187 -2.51 -20.61 -4.20
C ASP A 187 -2.28 -20.46 -2.71
N SER A 188 -1.77 -19.34 -2.24
CA SER A 188 -1.63 -19.12 -0.80
C SER A 188 -2.83 -19.60 0.09
N GLY A 189 -2.62 -20.05 1.34
CA GLY A 189 -3.75 -20.43 2.23
C GLY A 189 -4.32 -21.84 2.18
N GLY A 190 -4.23 -22.45 0.99
CA GLY A 190 -4.69 -23.80 0.69
C GLY A 190 -3.97 -24.98 1.33
N PRO A 191 -4.60 -26.14 1.18
CA PRO A 191 -4.14 -27.42 1.71
C PRO A 191 -3.02 -28.16 0.91
N LEU A 192 -2.37 -29.01 1.64
CA LEU A 192 -1.39 -29.97 1.15
C LEU A 192 -1.88 -31.28 1.75
N HIS A 193 -2.53 -32.20 0.97
CA HIS A 193 -3.02 -33.45 1.50
C HIS A 193 -1.98 -34.52 1.40
N CYS A 194 -1.66 -35.21 2.50
CA CYS A 194 -0.66 -36.28 2.42
C CYS A 194 -1.23 -37.59 2.99
N LEU A 195 -0.70 -38.74 2.50
CA LEU A 195 -1.04 -40.13 2.95
C LEU A 195 -0.09 -40.70 4.01
N VAL A 196 -0.75 -41.42 4.91
CA VAL A 196 -0.15 -42.10 6.01
C VAL A 196 -1.08 -43.21 6.38
N ASN A 197 -0.52 -44.42 6.22
CA ASN A 197 -1.15 -45.70 6.48
C ASN A 197 -2.46 -45.80 5.81
N GLY A 198 -2.47 -45.40 4.54
CA GLY A 198 -3.70 -45.47 3.77
C GLY A 198 -4.73 -44.37 4.00
N GLN A 199 -4.51 -43.43 4.94
CA GLN A 199 -5.46 -42.34 5.15
C GLN A 199 -4.83 -40.96 4.81
N TYR A 200 -5.67 -40.05 4.31
CA TYR A 200 -5.32 -38.65 4.04
C TYR A 200 -5.51 -37.77 5.25
N ALA A 201 -4.70 -36.72 5.36
CA ALA A 201 -4.77 -35.69 6.39
C ALA A 201 -4.12 -34.40 5.86
N VAL A 202 -4.40 -33.22 6.46
CA VAL A 202 -3.85 -31.95 5.91
C VAL A 202 -2.62 -31.60 6.71
N HIS A 203 -1.40 -31.56 6.10
CA HIS A 203 -0.15 -31.32 6.84
C HIS A 203 0.51 -30.01 6.63
N GLY A 204 0.01 -29.24 5.67
CA GLY A 204 0.54 -27.87 5.51
C GLY A 204 -0.53 -26.85 5.01
N VAL A 205 -0.17 -25.56 5.07
CA VAL A 205 -0.90 -24.43 4.62
C VAL A 205 0.00 -23.67 3.67
N THR A 206 -0.37 -23.56 2.42
CA THR A 206 0.57 -22.94 1.47
C THR A 206 1.11 -21.53 1.89
N SER A 207 2.43 -21.35 2.06
CA SER A 207 3.09 -20.08 2.37
C SER A 207 3.89 -19.28 1.25
N PHE A 208 5.08 -19.77 0.76
CA PHE A 208 5.90 -19.03 -0.25
C PHE A 208 6.75 -19.82 -1.22
N VAL A 209 7.25 -19.13 -2.19
CA VAL A 209 8.20 -19.71 -3.13
C VAL A 209 9.38 -18.70 -3.24
N SER A 210 10.17 -18.91 -4.28
CA SER A 210 11.28 -18.07 -4.58
C SER A 210 10.95 -16.78 -5.36
N ARG A 211 11.74 -15.70 -5.19
CA ARG A 211 11.51 -14.54 -6.04
C ARG A 211 11.92 -14.68 -7.49
N LEU A 212 12.77 -15.66 -7.78
CA LEU A 212 13.23 -15.96 -9.11
C LEU A 212 12.13 -16.46 -9.98
N GLY A 213 11.13 -17.08 -9.33
CA GLY A 213 10.03 -17.71 -10.07
C GLY A 213 9.28 -18.83 -9.32
N CYS A 214 8.20 -19.34 -9.97
CA CYS A 214 7.33 -20.36 -9.40
C CYS A 214 7.99 -21.78 -9.37
N ASN A 215 8.08 -22.50 -10.51
CA ASN A 215 8.78 -23.82 -10.51
C ASN A 215 10.28 -23.67 -10.82
N VAL A 216 11.16 -23.82 -9.83
CA VAL A 216 12.59 -23.67 -10.03
C VAL A 216 13.27 -24.86 -9.37
N THR A 217 14.27 -25.48 -10.08
CA THR A 217 14.95 -26.62 -9.51
C THR A 217 15.70 -26.32 -8.22
N ARG A 218 15.59 -27.24 -7.27
CA ARG A 218 16.21 -26.90 -6.01
C ARG A 218 15.52 -25.83 -5.12
N LYS A 219 14.39 -25.27 -5.54
CA LYS A 219 13.67 -24.36 -4.59
C LYS A 219 12.22 -24.88 -4.41
N PRO A 220 12.06 -25.86 -3.48
CA PRO A 220 10.75 -26.45 -3.25
C PRO A 220 9.72 -25.41 -2.75
N THR A 221 8.44 -25.70 -2.85
CA THR A 221 7.34 -24.85 -2.26
C THR A 221 7.32 -25.03 -0.74
N VAL A 222 7.22 -23.91 -0.02
CA VAL A 222 7.23 -23.90 1.43
C VAL A 222 5.84 -23.79 2.11
N PHE A 223 5.55 -24.62 3.16
CA PHE A 223 4.24 -24.61 3.82
C PHE A 223 4.35 -24.51 5.31
N THR A 224 3.31 -23.94 5.97
CA THR A 224 3.35 -23.88 7.44
C THR A 224 3.12 -25.31 7.91
N ARG A 225 3.85 -25.81 8.96
CA ARG A 225 3.52 -27.19 9.49
C ARG A 225 2.32 -27.25 10.44
N VAL A 226 1.22 -27.83 10.01
CA VAL A 226 0.08 -27.79 10.88
C VAL A 226 0.23 -28.48 12.26
N SER A 227 1.01 -29.54 12.26
CA SER A 227 1.17 -30.30 13.50
C SER A 227 1.91 -29.60 14.59
N ALA A 228 2.48 -28.49 14.23
CA ALA A 228 3.16 -27.74 15.27
C ALA A 228 2.19 -26.77 15.93
N TYR A 229 0.94 -26.73 15.52
CA TYR A 229 0.08 -25.75 16.18
C TYR A 229 -1.30 -26.24 16.65
N ILE A 230 -1.48 -27.56 16.79
CA ILE A 230 -2.73 -28.19 17.22
C ILE A 230 -3.39 -27.69 18.52
N SER A 231 -2.59 -27.50 19.56
CA SER A 231 -3.24 -27.04 20.76
C SER A 231 -3.66 -25.56 20.65
N TRP A 232 -2.90 -24.65 20.03
CA TRP A 232 -3.35 -23.26 19.83
C TRP A 232 -4.67 -23.31 19.10
N ILE A 233 -4.73 -24.25 18.16
CA ILE A 233 -5.95 -24.35 17.40
C ILE A 233 -7.15 -24.66 18.29
N ASN A 234 -6.93 -25.64 19.11
CA ASN A 234 -8.02 -26.06 19.92
C ASN A 234 -8.46 -24.98 20.89
N ASN A 235 -7.49 -24.24 21.40
CA ASN A 235 -7.88 -23.20 22.32
C ASN A 235 -8.70 -22.15 21.72
N VAL A 236 -8.24 -21.68 20.57
CA VAL A 236 -8.92 -20.61 19.93
C VAL A 236 -10.36 -20.95 19.69
N ILE A 237 -10.58 -22.16 19.20
CA ILE A 237 -11.92 -22.58 18.93
C ILE A 237 -12.79 -22.65 20.17
N ALA A 238 -12.21 -23.19 21.25
CA ALA A 238 -12.94 -23.39 22.50
C ALA A 238 -13.46 -22.12 23.19
N SER A 239 -12.66 -21.05 23.18
CA SER A 239 -12.93 -19.76 23.78
C SER A 239 -13.47 -18.64 22.89
N ASN A 240 -14.17 -19.01 21.82
CA ASN A 240 -14.74 -18.03 20.89
C ASN A 240 -15.94 -18.61 20.10
N VAL B 1 -4.57 23.97 -5.33
CA VAL B 1 -4.94 25.38 -5.41
C VAL B 1 -6.44 25.52 -5.70
N VAL B 2 -7.39 25.53 -4.70
CA VAL B 2 -8.81 25.83 -4.98
C VAL B 2 -9.11 27.35 -4.93
N GLY B 3 -9.78 27.95 -5.98
CA GLY B 3 -10.10 29.36 -5.93
C GLY B 3 -9.01 30.44 -6.10
N GLY B 4 -7.91 30.20 -6.79
CA GLY B 4 -6.92 31.22 -6.99
C GLY B 4 -6.72 31.61 -8.45
N THR B 5 -5.49 31.96 -8.82
CA THR B 5 -5.23 32.27 -10.22
C THR B 5 -3.82 31.86 -10.61
N GLU B 6 -3.56 31.88 -11.87
CA GLU B 6 -2.23 31.48 -12.33
C GLU B 6 -1.19 32.48 -11.94
N ALA B 7 -0.08 32.06 -11.31
CA ALA B 7 1.03 32.96 -10.94
C ALA B 7 1.79 33.43 -12.16
N GLN B 8 2.45 34.56 -12.07
CA GLN B 8 3.20 35.01 -13.22
C GLN B 8 4.52 34.22 -13.28
N ARG B 9 5.02 33.88 -14.46
CA ARG B 9 6.25 33.07 -14.57
C ARG B 9 7.38 33.36 -13.60
N ASN B 10 7.92 32.33 -12.93
CA ASN B 10 9.09 32.50 -12.05
C ASN B 10 9.01 33.56 -10.95
N SER B 11 7.83 33.76 -10.46
CA SER B 11 7.45 34.80 -9.51
C SER B 11 7.82 34.52 -8.02
N TRP B 12 7.74 33.24 -7.65
CA TRP B 12 8.01 32.63 -6.34
C TRP B 12 9.24 31.71 -6.51
N PRO B 13 10.41 32.31 -6.83
CA PRO B 13 11.64 31.60 -7.21
C PRO B 13 12.18 30.55 -6.25
N SER B 14 11.63 30.44 -5.04
CA SER B 14 12.11 29.45 -4.09
C SER B 14 11.28 28.16 -4.00
N GLN B 15 10.18 28.09 -4.78
CA GLN B 15 9.28 26.93 -4.86
C GLN B 15 9.89 25.79 -5.74
N ILE B 16 9.65 24.54 -5.38
CA ILE B 16 10.19 23.40 -6.10
C ILE B 16 9.13 22.32 -6.30
N SER B 17 9.34 21.49 -7.36
CA SER B 17 8.51 20.32 -7.61
C SER B 17 9.18 19.00 -7.10
N LEU B 18 8.42 18.15 -6.40
CA LEU B 18 9.05 16.92 -5.96
C LEU B 18 8.41 15.77 -6.69
N GLN B 19 9.22 15.01 -7.48
CA GLN B 19 8.79 13.84 -8.25
C GLN B 19 9.52 12.56 -8.00
N TYR B 20 8.79 11.46 -8.27
CA TYR B 20 9.23 10.06 -8.20
C TYR B 20 9.20 9.38 -9.62
N ARG B 21 10.11 8.42 -9.87
CA ARG B 21 10.04 7.86 -11.22
C ARG B 21 8.94 6.84 -11.36
N SER B 22 8.31 6.81 -12.50
CA SER B 22 7.24 5.86 -12.68
C SER B 22 7.08 5.60 -14.19
N GLY B 23 7.36 4.35 -14.65
CA GLY B 23 7.29 4.00 -16.10
C GLY B 23 8.24 4.85 -16.94
N SER B 24 7.79 5.39 -18.05
CA SER B 24 8.72 6.19 -18.84
C SER B 24 9.03 7.60 -18.30
N SER B 25 8.27 8.08 -17.29
CA SER B 25 8.49 9.43 -16.77
C SER B 25 8.68 9.66 -15.29
N TRP B 26 8.47 10.93 -14.98
CA TRP B 26 8.64 11.42 -13.63
C TRP B 26 7.35 12.07 -13.17
N ALA B 27 6.77 11.61 -12.04
CA ALA B 27 5.50 12.17 -11.58
C ALA B 27 5.64 13.07 -10.37
N HIS B 28 4.92 14.20 -10.45
CA HIS B 28 4.78 15.23 -9.45
C HIS B 28 4.10 14.66 -8.27
N THR B 29 4.56 14.86 -7.05
CA THR B 29 3.84 14.32 -5.92
C THR B 29 3.63 15.31 -4.73
N CYS B 30 4.61 16.14 -4.47
CA CYS B 30 4.54 17.11 -3.43
C CYS B 30 5.31 18.37 -3.80
N GLY B 31 5.19 19.44 -2.92
CA GLY B 31 5.97 20.64 -3.25
C GLY B 31 6.96 20.78 -2.13
N GLY B 32 7.75 21.92 -2.19
CA GLY B 32 8.62 22.15 -1.03
C GLY B 32 9.38 23.45 -1.30
N THR B 33 10.35 23.75 -0.41
CA THR B 33 11.14 25.03 -0.54
C THR B 33 12.68 24.88 -0.34
N LEU B 34 13.38 25.60 -1.21
CA LEU B 34 14.88 25.67 -1.27
C LEU B 34 15.50 26.62 -0.21
N ILE B 35 16.29 26.09 0.72
CA ILE B 35 16.86 26.93 1.79
C ILE B 35 18.41 27.16 1.73
N ARG B 36 19.11 26.30 0.93
CA ARG B 36 20.55 26.37 0.67
C ARG B 36 20.74 25.90 -0.76
N GLN B 37 21.90 26.01 -1.46
CA GLN B 37 22.10 25.50 -2.85
C GLN B 37 21.99 23.99 -3.00
N ASN B 38 22.17 23.26 -1.90
CA ASN B 38 22.09 21.83 -1.82
C ASN B 38 21.21 21.21 -0.69
N TRP B 39 20.27 22.00 -0.13
CA TRP B 39 19.21 21.60 0.84
C TRP B 39 17.79 22.16 0.50
N VAL B 40 16.79 21.28 0.67
CA VAL B 40 15.37 21.55 0.47
C VAL B 40 14.51 21.26 1.69
N MET B 41 13.47 22.10 1.99
CA MET B 41 12.55 21.83 3.10
C MET B 41 11.17 21.30 2.65
N THR B 42 10.65 20.26 3.26
CA THR B 42 9.33 19.71 2.87
C THR B 42 8.60 19.01 4.00
N ALA B 43 7.51 18.25 3.69
CA ALA B 43 6.84 17.51 4.79
C ALA B 43 7.29 16.05 5.03
N ALA B 44 7.19 15.61 6.29
CA ALA B 44 7.60 14.25 6.54
C ALA B 44 6.77 13.20 5.76
N HIS B 45 5.48 13.47 5.63
CA HIS B 45 4.61 12.52 5.05
C HIS B 45 4.89 12.38 3.55
N CYS B 46 5.58 13.36 2.91
CA CYS B 46 5.84 13.19 1.50
C CYS B 46 6.94 12.15 1.18
N VAL B 47 7.80 11.79 2.17
CA VAL B 47 8.96 10.94 1.92
C VAL B 47 9.12 9.77 2.88
N ASP B 48 8.02 9.38 3.49
CA ASP B 48 7.92 8.21 4.33
C ASP B 48 7.97 6.96 3.41
N ARG B 49 7.73 7.19 2.13
CA ARG B 49 7.77 6.19 1.10
C ARG B 49 9.21 5.89 0.69
N GLU B 50 9.35 4.73 0.12
CA GLU B 50 10.64 4.27 -0.38
C GLU B 50 10.63 4.34 -1.90
N LEU B 51 10.97 5.50 -2.44
CA LEU B 51 10.91 5.65 -3.86
C LEU B 51 12.18 6.33 -4.36
N THR B 52 12.18 6.55 -5.69
CA THR B 52 13.26 7.25 -6.40
C THR B 52 12.80 8.63 -6.80
N PHE B 53 13.33 9.60 -6.07
CA PHE B 53 12.98 11.03 -6.15
C PHE B 53 13.91 11.96 -6.87
N ARG B 54 13.33 13.03 -7.46
CA ARG B 54 14.13 14.11 -7.99
C ARG B 54 13.56 15.48 -7.60
N VAL B 55 14.28 16.57 -7.85
CA VAL B 55 13.84 17.93 -7.54
C VAL B 55 13.96 18.85 -8.77
N VAL B 56 12.91 19.67 -9.12
CA VAL B 56 13.02 20.64 -10.19
C VAL B 56 12.97 22.04 -9.63
N VAL B 57 13.96 22.87 -10.02
CA VAL B 57 14.04 24.24 -9.54
C VAL B 57 13.81 25.10 -10.75
N GLY B 58 13.31 26.30 -10.54
CA GLY B 58 12.93 27.20 -11.66
C GLY B 58 11.76 26.78 -12.55
N GLU B 59 10.92 25.83 -12.15
CA GLU B 59 9.75 25.30 -12.93
C GLU B 59 8.49 26.19 -13.05
N HIS B 60 7.62 26.00 -14.06
CA HIS B 60 6.37 26.74 -14.24
C HIS B 60 5.27 25.88 -14.84
N ASN B 61 5.54 25.49 -16.09
CA ASN B 61 4.69 24.59 -16.83
C ASN B 61 5.19 23.13 -16.83
N LEU B 62 4.56 22.20 -16.13
CA LEU B 62 5.03 20.82 -16.03
C LEU B 62 5.07 19.95 -17.29
N ASN B 63 4.42 20.35 -18.34
CA ASN B 63 4.39 19.57 -19.56
C ASN B 63 5.30 20.00 -20.68
N GLN B 64 5.98 21.13 -20.51
CA GLN B 64 6.88 21.64 -21.50
C GLN B 64 8.09 22.22 -20.82
N ASN B 65 9.21 22.09 -21.48
CA ASN B 65 10.48 22.60 -21.03
C ASN B 65 10.65 23.91 -21.70
N ASP B 66 10.77 24.93 -20.88
CA ASP B 66 10.88 26.27 -21.37
C ASP B 66 12.27 26.84 -21.21
N GLY B 67 13.19 26.10 -20.63
CA GLY B 67 14.50 26.70 -20.55
C GLY B 67 14.93 27.28 -19.23
N THR B 68 14.06 27.39 -18.24
CA THR B 68 14.46 27.94 -16.93
C THR B 68 14.82 26.87 -15.89
N GLU B 69 14.42 25.61 -16.11
CA GLU B 69 14.59 24.52 -15.15
C GLU B 69 15.96 23.87 -14.99
N GLN B 70 16.13 23.17 -13.89
CA GLN B 70 17.32 22.41 -13.59
C GLN B 70 16.88 21.16 -12.89
N TYR B 71 17.29 19.97 -13.31
CA TYR B 71 16.88 18.73 -12.65
C TYR B 71 17.98 18.14 -11.77
N VAL B 72 17.66 17.75 -10.56
CA VAL B 72 18.66 17.22 -9.65
C VAL B 72 18.19 16.08 -8.78
N GLY B 73 19.08 15.12 -8.50
CA GLY B 73 18.66 13.99 -7.70
C GLY B 73 18.73 14.24 -6.22
N VAL B 74 18.02 13.38 -5.51
CA VAL B 74 18.00 13.34 -4.05
C VAL B 74 19.03 12.36 -3.44
N GLN B 75 20.01 12.91 -2.74
CA GLN B 75 21.00 12.07 -2.12
C GLN B 75 20.74 11.54 -0.69
N LYS B 76 20.14 12.35 0.20
CA LYS B 76 19.88 11.90 1.55
C LYS B 76 18.61 12.55 2.21
N ILE B 77 18.02 11.81 3.14
CA ILE B 77 16.82 12.33 3.73
C ILE B 77 16.72 12.29 5.24
N VAL B 78 16.53 13.46 5.91
CA VAL B 78 16.35 13.46 7.39
C VAL B 78 14.90 13.84 7.84
N VAL B 79 14.20 12.91 8.52
CA VAL B 79 12.87 13.17 9.03
C VAL B 79 12.92 13.53 10.51
N HIS B 80 12.06 14.46 10.98
CA HIS B 80 12.09 14.76 12.41
C HIS B 80 11.84 13.48 13.22
N PRO B 81 12.59 13.35 14.29
CA PRO B 81 12.61 12.16 15.13
C PRO B 81 11.36 11.80 15.86
N TYR B 82 10.52 12.79 16.12
CA TYR B 82 9.25 12.50 16.80
C TYR B 82 8.10 12.15 15.87
N TRP B 83 8.30 12.25 14.51
CA TRP B 83 7.27 12.01 13.49
C TRP B 83 6.66 10.62 13.66
N ASN B 84 5.36 10.61 13.56
CA ASN B 84 4.68 9.34 13.64
C ASN B 84 3.65 9.26 12.55
N THR B 85 3.87 8.35 11.64
CA THR B 85 2.99 8.16 10.51
C THR B 85 1.50 7.94 10.81
N ASP B 86 1.27 7.43 11.99
CA ASP B 86 -0.07 7.12 12.39
C ASP B 86 -0.81 8.32 12.97
N ASP B 87 -0.12 9.43 13.15
CA ASP B 87 -0.82 10.52 13.77
C ASP B 87 -0.27 11.87 13.36
N VAL B 88 -0.74 12.34 12.20
CA VAL B 88 -0.44 13.63 11.59
C VAL B 88 -0.83 14.78 12.55
N ALA B 89 -1.90 14.52 13.36
CA ALA B 89 -2.47 15.46 14.29
C ALA B 89 -1.65 15.67 15.52
N ALA B 90 -0.64 14.82 15.64
CA ALA B 90 0.35 14.96 16.70
C ALA B 90 1.40 16.01 16.33
N GLY B 91 1.54 16.41 15.07
CA GLY B 91 2.55 17.43 14.76
C GLY B 91 3.85 16.84 14.23
N TYR B 92 4.95 17.62 14.24
CA TYR B 92 6.24 17.20 13.72
C TYR B 92 6.31 16.88 12.21
N ASP B 93 5.34 17.32 11.41
CA ASP B 93 5.33 17.08 9.97
C ASP B 93 6.41 17.89 9.19
N ILE B 94 7.69 17.51 9.38
CA ILE B 94 8.74 18.23 8.65
C ILE B 94 9.97 17.33 8.29
N ALA B 95 10.60 17.66 7.16
CA ALA B 95 11.76 16.91 6.62
C ALA B 95 12.76 17.70 5.79
N LEU B 96 13.98 17.19 5.71
CA LEU B 96 15.04 17.87 4.96
C LEU B 96 15.77 16.91 3.99
N LEU B 97 16.06 17.46 2.85
CA LEU B 97 16.67 16.70 1.81
C LEU B 97 17.97 17.30 1.28
N ARG B 98 19.00 16.44 1.23
CA ARG B 98 20.27 16.87 0.69
C ARG B 98 20.40 16.34 -0.73
N LEU B 99 20.70 17.30 -1.59
CA LEU B 99 20.81 17.12 -2.99
C LEU B 99 22.19 16.55 -3.45
N ALA B 100 22.15 15.89 -4.57
CA ALA B 100 23.32 15.27 -5.17
C ALA B 100 24.25 16.26 -5.85
N GLN B 101 23.85 17.49 -6.02
CA GLN B 101 24.67 18.51 -6.66
C GLN B 101 24.25 19.93 -6.17
N SER B 102 25.10 20.97 -6.19
CA SER B 102 24.65 22.29 -5.79
C SER B 102 24.14 23.02 -6.98
N VAL B 103 22.94 23.59 -6.80
CA VAL B 103 22.27 24.25 -7.88
C VAL B 103 22.88 25.60 -8.14
N THR B 104 22.66 26.18 -9.33
CA THR B 104 23.11 27.51 -9.73
C THR B 104 22.03 28.61 -9.50
N LEU B 105 22.37 29.61 -8.67
CA LEU B 105 21.44 30.67 -8.36
C LEU B 105 21.36 31.68 -9.47
N ASN B 106 20.20 32.27 -9.63
CA ASN B 106 20.04 33.22 -10.68
C ASN B 106 18.71 33.92 -10.47
N SER B 107 18.24 34.63 -11.50
CA SER B 107 17.03 35.37 -11.38
C SER B 107 15.81 34.48 -11.21
N TYR B 108 15.91 33.20 -11.69
CA TYR B 108 14.81 32.25 -11.58
C TYR B 108 14.92 31.29 -10.43
N VAL B 109 16.13 31.23 -9.84
CA VAL B 109 16.33 30.35 -8.71
C VAL B 109 16.96 31.15 -7.56
N GLN B 110 16.29 31.20 -6.38
CA GLN B 110 16.68 31.92 -5.21
C GLN B 110 16.26 31.26 -3.93
N LEU B 111 16.99 31.55 -2.88
CA LEU B 111 16.72 30.93 -1.61
C LEU B 111 15.50 31.53 -0.86
N GLY B 112 14.83 30.71 -0.07
CA GLY B 112 13.71 31.24 0.69
C GLY B 112 14.21 31.77 2.02
N VAL B 113 13.57 32.83 2.55
CA VAL B 113 13.93 33.49 3.81
C VAL B 113 13.13 32.95 4.97
N LEU B 114 13.82 32.57 6.07
CA LEU B 114 13.12 32.04 7.21
C LEU B 114 12.80 33.05 8.31
N PRO B 115 11.74 32.77 9.11
CA PRO B 115 11.42 33.66 10.23
C PRO B 115 12.36 33.54 11.44
N ARG B 116 12.55 34.61 12.21
CA ARG B 116 13.29 34.50 13.43
C ARG B 116 12.68 33.44 14.37
N ALA B 117 13.53 32.78 15.16
CA ALA B 117 13.01 31.77 16.04
C ALA B 117 11.93 32.21 17.02
N GLY B 118 10.82 31.47 17.05
CA GLY B 118 9.82 31.81 18.05
C GLY B 118 8.68 32.75 17.64
N THR B 119 8.74 33.31 16.46
CA THR B 119 7.75 34.25 16.04
C THR B 119 6.34 33.75 15.83
N ILE B 120 5.38 34.59 16.26
CA ILE B 120 3.98 34.28 16.14
C ILE B 120 3.18 35.41 15.55
N LEU B 121 2.47 35.16 14.44
CA LEU B 121 1.69 36.15 13.67
C LEU B 121 0.36 36.59 14.29
N ALA B 122 -0.04 37.82 14.00
CA ALA B 122 -1.35 38.14 14.55
C ALA B 122 -2.50 37.61 13.71
N ASN B 123 -3.72 37.63 14.35
CA ASN B 123 -4.97 37.21 13.72
C ASN B 123 -5.15 37.89 12.42
N ASN B 124 -5.64 37.17 11.41
CA ASN B 124 -5.79 37.89 10.18
C ASN B 124 -4.58 38.46 9.48
N SER B 125 -3.35 37.93 9.67
CA SER B 125 -2.21 38.46 8.84
C SER B 125 -2.31 38.02 7.34
N PRO B 126 -1.66 38.80 6.43
CA PRO B 126 -1.73 38.44 5.01
C PRO B 126 -0.70 37.42 4.51
N CYS B 127 -1.22 36.33 3.87
CA CYS B 127 -0.33 35.36 3.32
C CYS B 127 -0.85 34.84 2.01
N TYR B 128 -0.02 34.06 1.30
CA TYR B 128 -0.39 33.40 0.03
C TYR B 128 0.07 31.93 0.00
N ILE B 129 -0.73 31.05 -0.65
CA ILE B 129 -0.36 29.65 -0.78
C ILE B 129 -0.05 29.32 -2.23
N THR B 130 1.10 28.72 -2.55
CA THR B 130 1.48 28.38 -3.94
C THR B 130 1.49 26.87 -4.19
N GLY B 131 1.17 26.48 -5.46
CA GLY B 131 1.00 25.08 -5.78
C GLY B 131 0.60 24.57 -7.18
N TRP B 132 0.69 23.21 -7.34
CA TRP B 132 0.38 22.39 -8.54
C TRP B 132 -0.81 21.43 -8.21
N GLY B 133 -1.45 21.54 -7.00
CA GLY B 133 -2.56 20.68 -6.61
C GLY B 133 -3.87 20.82 -7.36
N LEU B 134 -4.91 20.04 -6.92
CA LEU B 134 -6.20 20.14 -7.59
C LEU B 134 -6.78 21.52 -7.45
N THR B 135 -7.55 21.86 -8.43
CA THR B 135 -8.10 23.19 -8.45
C THR B 135 -9.59 23.12 -8.10
N ARG B 136 -9.99 21.98 -7.57
CA ARG B 136 -11.33 21.84 -7.06
C ARG B 136 -11.47 20.50 -6.40
N THR B 137 -12.29 20.41 -5.34
CA THR B 137 -12.49 19.14 -4.63
C THR B 137 -12.88 18.02 -5.60
N ASN B 138 -12.19 16.86 -5.65
CA ASN B 138 -12.56 15.91 -6.73
C ASN B 138 -12.18 16.39 -8.16
N GLY B 139 -11.28 17.41 -8.33
CA GLY B 139 -10.83 17.87 -9.63
C GLY B 139 -9.68 17.03 -10.25
N GLN B 140 -8.77 17.74 -10.91
CA GLN B 140 -7.59 17.26 -11.63
C GLN B 140 -6.40 18.18 -11.31
N LEU B 141 -5.19 17.65 -11.36
CA LEU B 141 -3.99 18.43 -11.11
C LEU B 141 -3.83 19.54 -12.08
N ALA B 142 -3.17 20.62 -11.61
CA ALA B 142 -2.88 21.78 -12.38
C ALA B 142 -1.63 21.66 -13.26
N GLN B 143 -1.60 22.40 -14.37
CA GLN B 143 -0.55 22.43 -15.35
C GLN B 143 0.55 23.43 -15.10
N THR B 144 0.15 24.67 -14.77
CA THR B 144 1.04 25.77 -14.44
C THR B 144 0.90 26.18 -12.97
N LEU B 145 1.86 26.83 -12.31
CA LEU B 145 1.74 27.18 -10.90
C LEU B 145 0.61 28.16 -10.58
N GLN B 146 -0.13 27.83 -9.51
CA GLN B 146 -1.25 28.66 -9.03
C GLN B 146 -0.98 29.33 -7.71
N GLN B 147 -1.70 30.43 -7.43
CA GLN B 147 -1.66 31.11 -6.12
C GLN B 147 -3.06 31.63 -5.71
N ALA B 148 -3.21 31.75 -4.38
CA ALA B 148 -4.39 32.30 -3.69
C ALA B 148 -4.05 33.08 -2.42
N TYR B 149 -4.77 34.22 -2.14
CA TYR B 149 -4.67 35.05 -0.91
C TYR B 149 -5.33 34.23 0.21
N LEU B 150 -4.74 34.11 1.39
CA LEU B 150 -5.21 33.29 2.48
C LEU B 150 -4.74 33.79 3.88
N PRO B 151 -5.51 34.65 4.50
CA PRO B 151 -5.11 35.21 5.77
C PRO B 151 -5.21 34.30 6.99
N THR B 152 -4.40 34.63 8.03
CA THR B 152 -4.27 33.93 9.32
C THR B 152 -5.51 33.85 10.19
N VAL B 153 -5.60 32.74 10.94
CA VAL B 153 -6.63 32.49 11.96
C VAL B 153 -5.90 32.03 13.25
N ASP B 154 -5.89 32.90 14.32
CA ASP B 154 -5.18 32.56 15.54
C ASP B 154 -5.50 31.28 16.25
N TYR B 155 -4.60 30.92 17.14
CA TYR B 155 -4.70 29.70 17.89
C TYR B 155 -5.95 29.67 18.68
N ALA B 156 -6.28 30.74 19.42
CA ALA B 156 -7.52 30.68 20.25
C ALA B 156 -8.86 30.36 19.55
N ILE B 157 -9.08 30.99 18.39
CA ILE B 157 -10.21 30.71 17.57
C ILE B 157 -10.05 29.41 16.79
N CYS B 158 -8.85 29.18 16.20
CA CYS B 158 -8.67 27.93 15.41
C CYS B 158 -8.94 26.66 16.23
N SER B 159 -8.43 26.61 17.47
CA SER B 159 -8.61 25.43 18.36
C SER B 159 -9.89 25.33 19.21
N SER B 160 -10.90 26.12 18.84
CA SER B 160 -12.19 26.08 19.50
C SER B 160 -13.14 25.14 18.80
N SER B 161 -14.16 24.82 19.53
CA SER B 161 -15.21 23.92 19.11
C SER B 161 -15.85 24.16 17.75
N SER B 162 -16.02 25.38 17.35
CA SER B 162 -16.69 25.45 16.07
C SER B 162 -15.78 25.30 14.89
N TYR B 163 -14.47 25.31 15.22
CA TYR B 163 -13.43 25.15 14.25
C TYR B 163 -12.90 23.73 14.21
N TRP B 164 -11.64 23.54 14.66
CA TRP B 164 -10.93 22.24 14.65
C TRP B 164 -10.80 21.59 16.05
N GLY B 165 -11.07 22.36 17.11
CA GLY B 165 -10.95 21.77 18.40
C GLY B 165 -9.58 21.25 18.75
N SER B 166 -9.57 20.13 19.45
CA SER B 166 -8.32 19.62 19.90
C SER B 166 -7.44 19.06 18.80
N THR B 167 -7.93 18.90 17.58
CA THR B 167 -7.07 18.42 16.53
C THR B 167 -5.86 19.33 16.38
N VAL B 168 -6.10 20.64 16.44
CA VAL B 168 -5.04 21.67 16.34
C VAL B 168 -4.15 21.85 17.56
N LYS B 169 -2.83 22.09 17.32
CA LYS B 169 -1.80 22.29 18.36
C LYS B 169 -1.04 23.58 18.13
N ASN B 170 -0.38 24.04 19.18
CA ASN B 170 0.40 25.27 19.18
C ASN B 170 1.65 25.37 18.27
N SER B 171 2.04 24.22 17.69
CA SER B 171 3.14 24.03 16.74
C SER B 171 2.61 24.21 15.31
N MET B 172 1.31 24.49 15.20
CA MET B 172 0.75 24.68 13.88
C MET B 172 0.27 26.11 13.59
N VAL B 173 0.00 26.46 12.29
CA VAL B 173 -0.53 27.74 11.82
C VAL B 173 -1.83 27.43 10.99
N CYS B 174 -2.98 28.18 11.19
CA CYS B 174 -4.17 27.98 10.36
C CYS B 174 -4.30 29.10 9.35
N ALA B 175 -4.96 28.89 8.21
CA ALA B 175 -5.19 30.11 7.34
C ALA B 175 -6.31 29.90 6.41
N GLY B 176 -7.14 30.99 6.13
CA GLY B 176 -8.24 30.68 5.21
C GLY B 176 -9.51 30.23 5.97
N GLY B 177 -10.31 29.26 5.45
CA GLY B 177 -11.56 28.79 6.12
C GLY B 177 -12.85 29.56 5.77
N ASP B 178 -12.80 30.36 4.71
CA ASP B 178 -13.96 31.05 4.30
C ASP B 178 -14.94 30.19 3.47
N GLY B 179 -14.55 29.00 2.98
CA GLY B 179 -15.41 28.15 2.10
C GLY B 179 -15.18 28.46 0.61
N VAL B 180 -14.21 29.32 0.29
CA VAL B 180 -14.00 29.65 -1.08
C VAL B 180 -12.64 29.22 -1.64
N ARG B 181 -11.60 29.54 -0.88
CA ARG B 181 -10.19 29.28 -1.12
C ARG B 181 -9.53 28.38 -0.05
N SER B 182 -8.55 27.52 -0.49
CA SER B 182 -7.72 26.55 0.32
C SER B 182 -6.72 25.72 -0.49
N GLY B 183 -6.06 24.86 0.26
CA GLY B 183 -5.11 23.88 -0.16
C GLY B 183 -5.49 22.75 -1.13
N CYS B 184 -6.20 21.71 -0.90
CA CYS B 184 -6.20 20.69 -2.04
C CYS B 184 -5.10 19.58 -2.35
N GLN B 185 -5.46 18.27 -2.72
CA GLN B 185 -4.42 17.27 -3.04
C GLN B 185 -3.33 17.66 -4.07
N GLY B 186 -2.06 17.46 -3.63
CA GLY B 186 -0.83 17.76 -4.42
C GLY B 186 -0.03 19.02 -4.07
N ASP B 187 -0.57 19.68 -3.03
CA ASP B 187 -0.04 20.94 -2.54
C ASP B 187 0.74 20.67 -1.29
N SER B 188 0.59 19.49 -0.72
CA SER B 188 1.38 19.07 0.44
C SER B 188 2.87 19.38 0.31
N GLY B 189 3.59 19.81 1.38
CA GLY B 189 5.01 20.10 1.17
C GLY B 189 5.47 21.52 1.32
N GLY B 190 4.49 22.41 1.41
CA GLY B 190 4.57 23.91 1.76
C GLY B 190 4.94 24.40 0.42
N PRO B 191 5.16 25.75 0.27
CA PRO B 191 5.17 26.89 1.22
C PRO B 191 3.95 27.86 1.42
N LEU B 192 4.01 28.57 2.52
CA LEU B 192 3.04 29.64 2.90
C LEU B 192 3.86 30.89 3.14
N HIS B 193 3.74 31.82 2.19
CA HIS B 193 4.46 33.08 2.19
C HIS B 193 3.70 34.23 2.94
N CYS B 194 4.31 34.82 3.96
CA CYS B 194 3.60 35.87 4.68
C CYS B 194 4.36 37.21 4.76
N LEU B 195 3.62 38.37 4.61
CA LEU B 195 4.17 39.72 4.67
C LEU B 195 4.32 40.28 6.08
N VAL B 196 5.55 40.69 6.42
CA VAL B 196 5.93 41.30 7.69
C VAL B 196 6.90 42.49 7.56
N ASN B 197 6.38 43.70 7.82
CA ASN B 197 7.16 44.93 7.66
C ASN B 197 7.46 45.14 6.20
N GLY B 198 6.57 44.69 5.39
CA GLY B 198 6.79 44.89 4.00
C GLY B 198 7.78 43.97 3.38
N GLN B 199 8.15 42.91 4.11
CA GLN B 199 9.09 41.90 3.58
C GLN B 199 8.49 40.46 3.61
N TYR B 200 8.73 39.57 2.63
CA TYR B 200 8.20 38.20 2.79
C TYR B 200 9.09 37.20 3.50
N ALA B 201 8.55 36.14 4.09
CA ALA B 201 9.29 35.03 4.72
C ALA B 201 8.39 33.78 4.74
N VAL B 202 8.97 32.57 4.84
CA VAL B 202 8.22 31.31 4.83
C VAL B 202 7.78 30.88 6.23
N HIS B 203 6.47 31.09 6.55
CA HIS B 203 6.06 30.77 7.91
C HIS B 203 5.41 29.39 8.07
N GLY B 204 5.06 28.72 6.95
CA GLY B 204 4.40 27.39 7.05
C GLY B 204 4.76 26.45 5.91
N VAL B 205 4.61 25.14 6.22
CA VAL B 205 4.77 23.97 5.33
C VAL B 205 3.38 23.32 5.22
N THR B 206 2.72 23.22 4.06
CA THR B 206 1.38 22.66 4.09
C THR B 206 1.35 21.25 4.65
N SER B 207 0.28 20.98 5.40
CA SER B 207 0.10 19.72 5.98
C SER B 207 -1.24 19.02 5.71
N PHE B 208 -2.41 19.41 6.26
CA PHE B 208 -3.69 18.67 5.97
C PHE B 208 -4.95 19.49 5.83
N VAL B 209 -6.08 18.88 5.46
CA VAL B 209 -7.40 19.52 5.33
C VAL B 209 -8.37 18.63 6.03
N SER B 210 -9.67 18.95 5.96
CA SER B 210 -10.65 18.03 6.60
C SER B 210 -11.15 16.95 5.63
N ARG B 211 -11.56 15.80 6.14
CA ARG B 211 -11.99 14.77 5.16
C ARG B 211 -13.22 15.05 4.36
N LEU B 212 -14.02 16.08 4.71
CA LEU B 212 -15.24 16.39 3.99
C LEU B 212 -14.97 17.03 2.74
N GLY B 213 -13.78 17.61 2.67
CA GLY B 213 -13.41 18.33 1.45
C GLY B 213 -12.27 19.32 1.61
N CYS B 214 -11.94 19.96 0.47
CA CYS B 214 -10.87 20.97 0.38
C CYS B 214 -11.30 22.36 0.89
N ASN B 215 -12.16 23.05 0.17
CA ASN B 215 -12.69 24.32 0.66
C ASN B 215 -14.01 24.17 1.50
N VAL B 216 -13.90 24.05 2.84
CA VAL B 216 -14.99 23.96 3.76
C VAL B 216 -14.99 25.08 4.80
N THR B 217 -16.19 25.68 4.96
CA THR B 217 -16.44 26.76 5.91
C THR B 217 -16.11 26.35 7.34
N ARG B 218 -15.30 27.16 8.01
CA ARG B 218 -14.88 26.83 9.35
C ARG B 218 -13.81 25.77 9.55
N LYS B 219 -13.25 25.28 8.44
CA LYS B 219 -12.16 24.30 8.50
C LYS B 219 -11.01 24.80 7.65
N PRO B 220 -10.25 25.74 8.16
CA PRO B 220 -9.13 26.38 7.45
C PRO B 220 -7.97 25.41 7.08
N THR B 221 -7.15 25.65 6.03
CA THR B 221 -5.95 24.75 5.76
C THR B 221 -4.93 24.81 6.99
N VAL B 222 -4.36 23.67 7.41
CA VAL B 222 -3.39 23.57 8.54
C VAL B 222 -1.91 23.29 8.08
N PHE B 223 -0.91 24.08 8.60
CA PHE B 223 0.49 24.04 8.23
C PHE B 223 1.39 23.86 9.43
N THR B 224 2.53 23.16 9.22
CA THR B 224 3.54 23.09 10.27
C THR B 224 4.13 24.52 10.46
N ARG B 225 4.31 25.01 11.73
CA ARG B 225 4.91 26.32 12.02
C ARG B 225 6.44 26.32 12.03
N VAL B 226 7.08 26.81 10.93
CA VAL B 226 8.54 26.82 10.79
C VAL B 226 9.36 27.39 11.98
N SER B 227 8.91 28.54 12.55
CA SER B 227 9.54 29.27 13.66
C SER B 227 9.73 28.47 14.92
N ALA B 228 9.02 27.34 14.96
CA ALA B 228 9.11 26.38 16.05
C ALA B 228 10.33 25.41 15.94
N TYR B 229 10.91 25.28 14.73
CA TYR B 229 11.99 24.30 14.52
C TYR B 229 13.33 24.86 14.03
N ILE B 230 13.59 26.16 14.21
CA ILE B 230 14.77 26.84 13.74
C ILE B 230 16.07 26.19 14.20
N SER B 231 16.13 25.77 15.46
CA SER B 231 17.29 25.10 15.99
C SER B 231 17.61 23.78 15.38
N TRP B 232 16.59 22.92 15.29
CA TRP B 232 16.77 21.67 14.65
C TRP B 232 17.30 21.84 13.22
N ILE B 233 16.71 22.72 12.43
CA ILE B 233 17.14 23.00 11.06
C ILE B 233 18.63 23.38 10.90
N ASN B 234 19.06 24.29 11.72
CA ASN B 234 20.44 24.71 11.60
C ASN B 234 21.46 23.67 12.05
N ASN B 235 21.09 22.94 13.12
CA ASN B 235 21.92 21.93 13.71
C ASN B 235 22.07 20.72 12.83
N VAL B 236 21.03 20.34 12.18
CA VAL B 236 21.13 19.20 11.26
C VAL B 236 22.12 19.51 10.15
N ILE B 237 21.90 20.62 9.50
CA ILE B 237 22.76 21.03 8.42
C ILE B 237 24.22 21.25 8.82
N ALA B 238 24.43 21.91 9.94
CA ALA B 238 25.82 22.14 10.36
C ALA B 238 26.57 20.83 10.65
N SER B 239 25.90 19.86 11.17
CA SER B 239 26.53 18.64 11.50
C SER B 239 26.77 17.71 10.32
N ASN B 240 26.47 18.17 9.13
CA ASN B 240 26.60 17.32 7.99
C ASN B 240 27.31 17.94 6.80
N GLY C 1 4.82 -3.06 -21.84
CA GLY C 1 3.55 -3.76 -21.64
C GLY C 1 2.61 -2.80 -22.26
N GLN C 2 1.82 -2.12 -21.33
CA GLN C 2 0.93 -1.01 -21.57
C GLN C 2 1.54 0.31 -21.95
N GLU C 3 0.79 1.25 -22.54
CA GLU C 3 1.33 2.53 -22.96
C GLU C 3 2.18 3.34 -22.02
N SER C 4 2.10 3.07 -20.72
CA SER C 4 2.89 3.86 -19.76
C SER C 4 4.12 3.18 -19.16
N CYS C 5 4.43 1.96 -19.56
CA CYS C 5 5.57 1.30 -18.98
C CYS C 5 6.85 1.78 -19.64
N GLY C 6 7.97 1.74 -18.93
CA GLY C 6 9.26 2.12 -19.57
C GLY C 6 9.98 0.84 -20.10
N PRO C 7 11.25 0.93 -20.51
CA PRO C 7 12.01 -0.22 -21.01
C PRO C 7 12.14 -1.43 -20.10
N ASN C 8 11.85 -2.60 -20.74
CA ASN C 8 11.88 -3.95 -20.24
C ASN C 8 10.80 -4.30 -19.20
N GLU C 9 9.84 -3.41 -19.06
CA GLU C 9 8.73 -3.53 -18.14
C GLU C 9 7.46 -4.12 -18.83
N VAL C 10 6.75 -4.98 -18.10
CA VAL C 10 5.58 -5.52 -18.76
C VAL C 10 4.33 -5.37 -17.84
N TRP C 11 3.20 -4.81 -18.36
CA TRP C 11 1.93 -4.60 -17.60
C TRP C 11 1.22 -5.86 -17.09
N THR C 12 1.05 -6.07 -15.77
CA THR C 12 0.27 -7.27 -15.31
C THR C 12 -0.81 -6.84 -14.27
N GLU C 13 -1.87 -7.66 -14.24
CA GLU C 13 -2.94 -7.54 -13.29
C GLU C 13 -2.66 -8.32 -12.03
N CYS C 14 -1.80 -9.35 -12.12
CA CYS C 14 -1.32 -10.17 -11.00
C CYS C 14 0.21 -10.00 -10.82
N THR C 15 0.60 -9.03 -10.02
CA THR C 15 2.01 -8.74 -9.78
C THR C 15 2.73 -9.73 -8.79
N GLY C 16 4.07 -10.01 -8.85
CA GLY C 16 4.79 -10.89 -7.90
C GLY C 16 5.97 -10.18 -7.25
N CYS C 17 7.18 -10.76 -7.08
CA CYS C 17 8.27 -10.00 -6.47
C CYS C 17 9.37 -9.68 -7.47
N GLU C 18 10.03 -8.57 -7.25
CA GLU C 18 11.13 -7.94 -7.97
C GLU C 18 12.48 -8.09 -7.23
N MET C 19 13.67 -8.09 -7.94
CA MET C 19 14.99 -8.27 -7.26
C MET C 19 15.99 -7.18 -7.69
N LYS C 20 16.79 -6.62 -6.75
CA LYS C 20 17.81 -5.65 -7.21
C LYS C 20 19.07 -6.42 -7.65
N CYS C 21 20.02 -5.76 -8.33
CA CYS C 21 21.27 -6.48 -8.63
C CYS C 21 21.92 -6.85 -7.32
N GLY C 22 22.25 -8.11 -7.02
CA GLY C 22 22.78 -8.23 -5.70
C GLY C 22 22.04 -9.19 -4.83
N PRO C 23 20.67 -9.20 -4.76
CA PRO C 23 19.97 -10.18 -3.96
C PRO C 23 20.18 -11.64 -4.32
N ASP C 24 20.26 -12.36 -3.27
CA ASP C 24 20.40 -13.75 -3.07
C ASP C 24 19.18 -14.48 -3.47
N GLU C 25 19.40 -15.66 -3.98
CA GLU C 25 18.35 -16.48 -4.45
C GLU C 25 17.55 -17.15 -3.38
N ASN C 26 17.91 -16.99 -2.13
CA ASN C 26 17.04 -17.67 -1.23
C ASN C 26 16.10 -16.74 -0.47
N THR C 27 15.66 -15.68 -1.15
CA THR C 27 14.71 -14.75 -0.55
C THR C 27 13.28 -15.12 -0.90
N PRO C 28 12.32 -15.08 0.06
CA PRO C 28 10.87 -15.45 -0.13
C PRO C 28 9.91 -14.59 -0.97
N CYS C 29 8.97 -15.18 -1.69
CA CYS C 29 7.90 -14.42 -2.34
C CYS C 29 6.54 -15.06 -1.92
N PRO C 30 5.68 -14.34 -1.14
CA PRO C 30 4.40 -14.93 -0.74
C PRO C 30 3.51 -15.37 -1.89
N LEU C 31 2.76 -16.48 -1.74
CA LEU C 31 1.94 -16.94 -2.88
C LEU C 31 0.62 -16.13 -3.25
N MET C 32 0.62 -14.82 -2.96
CA MET C 32 -0.55 -14.01 -3.26
C MET C 32 -0.37 -12.89 -4.32
N CYS C 33 -1.27 -12.67 -5.33
CA CYS C 33 -1.14 -11.49 -6.20
C CYS C 33 -1.14 -10.15 -5.49
N ARG C 34 -0.26 -9.26 -5.96
CA ARG C 34 -0.12 -7.86 -5.60
C ARG C 34 -0.85 -7.02 -6.66
N ARG C 35 -0.98 -5.73 -6.37
CA ARG C 35 -1.69 -4.76 -7.23
C ARG C 35 -1.07 -4.66 -8.59
N PRO C 36 -1.88 -4.36 -9.59
CA PRO C 36 -1.46 -4.26 -10.99
C PRO C 36 -0.42 -3.26 -11.21
N SER C 37 0.53 -3.52 -12.16
CA SER C 37 1.64 -2.65 -12.34
C SER C 37 2.50 -2.91 -13.60
N CYS C 38 3.51 -2.04 -13.85
CA CYS C 38 4.49 -2.11 -14.92
C CYS C 38 5.60 -2.85 -14.26
N GLU C 39 5.62 -4.18 -14.44
CA GLU C 39 6.59 -5.05 -13.73
C GLU C 39 7.98 -5.39 -14.43
N CYS C 40 9.09 -5.40 -13.67
CA CYS C 40 10.47 -5.81 -14.00
C CYS C 40 10.61 -7.22 -13.43
N SER C 41 10.29 -8.34 -14.14
CA SER C 41 10.38 -9.69 -13.46
C SER C 41 11.63 -10.48 -13.61
N PRO C 42 11.94 -11.21 -12.57
CA PRO C 42 13.11 -12.01 -12.60
C PRO C 42 12.93 -13.18 -13.51
N GLY C 43 11.67 -13.68 -13.57
CA GLY C 43 11.37 -14.78 -14.46
C GLY C 43 11.66 -14.51 -15.98
N ARG C 44 11.88 -13.27 -16.42
CA ARG C 44 12.24 -12.97 -17.81
C ARG C 44 13.70 -12.50 -17.94
N GLY C 45 14.48 -12.69 -16.86
CA GLY C 45 15.87 -12.35 -16.69
C GLY C 45 16.24 -10.87 -16.46
N MET C 46 15.40 -10.11 -15.77
CA MET C 46 15.61 -8.68 -15.51
C MET C 46 15.90 -8.33 -14.04
N ARG C 47 16.52 -7.19 -13.76
CA ARG C 47 16.76 -6.75 -12.36
C ARG C 47 16.62 -5.21 -12.25
N ARG C 48 16.42 -4.68 -11.04
CA ARG C 48 16.33 -3.21 -10.80
C ARG C 48 17.67 -2.57 -10.36
N THR C 49 17.98 -1.35 -10.87
CA THR C 49 19.14 -0.56 -10.44
C THR C 49 18.81 0.22 -9.17
N ASN C 50 19.79 0.98 -8.63
CA ASN C 50 19.58 1.76 -7.41
C ASN C 50 18.70 2.98 -7.50
N ASP C 51 18.67 3.44 -8.70
CA ASP C 51 18.09 4.50 -9.45
C ASP C 51 16.71 4.12 -10.02
N GLY C 52 16.33 2.86 -9.89
CA GLY C 52 15.07 2.37 -10.34
C GLY C 52 14.81 1.88 -11.74
N LYS C 53 15.78 1.75 -12.61
CA LYS C 53 15.36 1.19 -13.89
C LYS C 53 15.50 -0.32 -13.97
N CYS C 54 15.03 -0.81 -15.08
CA CYS C 54 14.97 -2.25 -15.39
C CYS C 54 16.02 -2.64 -16.46
N ILE C 55 16.88 -3.63 -16.12
CA ILE C 55 17.92 -4.09 -17.04
C ILE C 55 18.13 -5.58 -16.93
N PRO C 56 18.74 -6.17 -17.96
CA PRO C 56 19.07 -7.60 -17.93
C PRO C 56 20.08 -7.91 -16.86
N ALA C 57 19.90 -9.07 -16.21
CA ALA C 57 20.81 -9.47 -15.14
C ALA C 57 22.33 -9.49 -15.53
N SER C 58 22.59 -9.75 -16.83
CA SER C 58 23.93 -9.78 -17.35
C SER C 58 24.63 -8.42 -17.29
N GLN C 59 23.95 -7.36 -16.86
CA GLN C 59 24.63 -6.08 -16.71
C GLN C 59 24.77 -5.65 -15.30
N CYS C 60 24.50 -6.59 -14.44
CA CYS C 60 24.69 -6.23 -13.07
C CYS C 60 26.17 -6.37 -12.82
N PRO C 61 26.65 -5.60 -11.86
CA PRO C 61 28.08 -5.77 -11.56
C PRO C 61 28.29 -7.15 -10.97
N GLY D 1 -17.96 4.40 -11.78
CA GLY D 1 -18.11 5.06 -13.03
C GLY D 1 -16.76 5.11 -13.54
N GLN D 2 -16.66 4.09 -14.47
CA GLN D 2 -15.52 3.40 -15.12
C GLN D 2 -15.83 1.89 -14.86
N GLU D 3 -15.62 1.04 -15.88
CA GLU D 3 -16.00 -0.37 -15.88
C GLU D 3 -16.04 -1.24 -14.62
N SER D 4 -15.11 -1.08 -13.70
CA SER D 4 -15.28 -1.96 -12.55
C SER D 4 -15.84 -1.38 -11.25
N CYS D 5 -16.38 -0.14 -11.33
CA CYS D 5 -16.80 0.52 -10.11
C CYS D 5 -18.16 0.00 -9.72
N GLY D 6 -18.48 0.02 -8.44
CA GLY D 6 -19.82 -0.37 -8.00
C GLY D 6 -20.80 0.86 -7.91
N PRO D 7 -22.06 0.71 -7.48
CA PRO D 7 -22.97 1.88 -7.36
C PRO D 7 -22.43 2.99 -6.44
N ASN D 8 -22.56 4.24 -6.95
CA ASN D 8 -22.16 5.50 -6.35
C ASN D 8 -20.67 5.81 -6.35
N GLU D 9 -19.84 4.94 -6.99
CA GLU D 9 -18.39 5.06 -6.97
C GLU D 9 -17.88 5.71 -8.28
N VAL D 10 -16.81 6.49 -8.17
CA VAL D 10 -16.30 7.13 -9.37
C VAL D 10 -14.79 6.91 -9.47
N TRP D 11 -14.32 6.42 -10.62
CA TRP D 11 -12.90 6.13 -10.80
C TRP D 11 -12.03 7.38 -10.89
N THR D 12 -10.96 7.43 -10.09
CA THR D 12 -10.07 8.59 -10.14
C THR D 12 -8.61 8.20 -10.07
N GLU D 13 -7.82 9.04 -10.73
CA GLU D 13 -6.38 8.90 -10.72
C GLU D 13 -5.68 9.54 -9.51
N CYS D 14 -6.35 10.34 -8.66
CA CYS D 14 -5.78 10.99 -7.48
C CYS D 14 -6.80 10.88 -6.36
N THR D 15 -6.66 9.82 -5.58
CA THR D 15 -7.53 9.48 -4.47
C THR D 15 -7.33 10.31 -3.16
N GLY D 16 -8.48 10.77 -2.50
CA GLY D 16 -8.51 11.57 -1.25
C GLY D 16 -8.83 10.74 -0.03
N CYS D 17 -9.61 11.23 0.96
CA CYS D 17 -9.98 10.38 2.12
C CYS D 17 -11.45 9.96 2.03
N GLU D 18 -11.92 8.84 2.61
CA GLU D 18 -13.32 8.38 2.56
C GLU D 18 -13.85 8.51 3.99
N MET D 19 -15.15 8.55 4.29
CA MET D 19 -15.58 8.61 5.72
C MET D 19 -16.73 7.63 6.02
N LYS D 20 -16.81 7.02 7.21
CA LYS D 20 -17.95 6.16 7.56
C LYS D 20 -19.10 7.00 8.18
N CYS D 21 -20.29 6.38 8.33
CA CYS D 21 -21.43 7.05 8.97
C CYS D 21 -20.97 7.29 10.40
N GLY D 22 -21.14 8.48 10.93
CA GLY D 22 -20.59 8.65 12.27
C GLY D 22 -19.19 9.27 12.42
N PRO D 23 -18.22 9.23 11.46
CA PRO D 23 -17.03 9.93 11.85
C PRO D 23 -17.27 11.41 12.04
N ASP D 24 -16.52 11.91 12.93
CA ASP D 24 -16.48 13.29 13.28
C ASP D 24 -15.93 14.10 12.12
N GLU D 25 -16.28 15.38 12.09
CA GLU D 25 -15.84 16.26 11.03
C GLU D 25 -14.46 16.82 11.29
N ASN D 26 -13.88 16.54 12.44
CA ASN D 26 -12.60 17.18 12.61
C ASN D 26 -11.40 16.27 12.60
N THR D 27 -11.44 15.29 11.68
CA THR D 27 -10.38 14.32 11.41
C THR D 27 -9.65 14.79 10.16
N PRO D 28 -8.33 14.79 10.14
CA PRO D 28 -7.51 15.26 9.01
C PRO D 28 -7.36 14.37 7.77
N CYS D 29 -7.00 15.00 6.67
CA CYS D 29 -6.73 14.29 5.45
C CYS D 29 -5.46 14.91 4.86
N PRO D 30 -4.32 14.20 4.69
CA PRO D 30 -3.09 14.85 4.14
C PRO D 30 -3.27 15.31 2.73
N LEU D 31 -2.64 16.43 2.31
CA LEU D 31 -2.88 16.91 0.94
C LEU D 31 -2.02 16.29 -0.22
N MET D 32 -1.73 15.02 -0.08
CA MET D 32 -0.99 14.23 -1.07
C MET D 32 -1.94 13.26 -1.79
N CYS D 33 -1.90 13.12 -3.14
CA CYS D 33 -2.76 12.15 -3.82
C CYS D 33 -2.49 10.71 -3.41
N ARG D 34 -3.52 9.82 -3.27
CA ARG D 34 -3.31 8.38 -3.04
C ARG D 34 -3.49 7.61 -4.35
N ARG D 35 -3.24 6.28 -4.36
CA ARG D 35 -3.35 5.47 -5.60
C ARG D 35 -4.68 5.52 -6.35
N PRO D 36 -4.67 5.48 -7.69
CA PRO D 36 -5.89 5.51 -8.47
C PRO D 36 -6.95 4.50 -8.00
N SER D 37 -8.25 4.86 -8.07
CA SER D 37 -9.24 3.88 -7.67
C SER D 37 -10.72 4.32 -7.86
N CYS D 38 -11.62 3.42 -7.46
CA CYS D 38 -13.08 3.66 -7.49
C CYS D 38 -13.39 4.29 -6.14
N GLU D 39 -13.39 5.64 -6.02
CA GLU D 39 -13.55 6.28 -4.73
C GLU D 39 -14.99 6.55 -4.33
N CYS D 40 -15.35 6.37 -3.01
CA CYS D 40 -16.62 6.79 -2.42
C CYS D 40 -16.44 8.24 -1.79
N SER D 41 -16.64 9.39 -2.49
CA SER D 41 -16.35 10.71 -1.91
C SER D 41 -17.42 11.50 -1.16
N PRO D 42 -16.96 12.00 -0.01
CA PRO D 42 -17.68 12.79 0.94
C PRO D 42 -18.04 14.14 0.28
N GLY D 43 -17.19 14.53 -0.65
CA GLY D 43 -17.38 15.72 -1.41
C GLY D 43 -18.58 15.59 -2.35
N ARG D 44 -18.99 14.36 -2.64
CA ARG D 44 -20.17 14.15 -3.42
C ARG D 44 -21.38 13.85 -2.55
N GLY D 45 -21.27 13.93 -1.21
CA GLY D 45 -22.39 13.64 -0.36
C GLY D 45 -22.46 12.15 0.05
N MET D 46 -21.41 11.36 -0.26
CA MET D 46 -21.31 9.88 0.05
C MET D 46 -20.64 9.48 1.37
N ARG D 47 -20.97 8.25 1.82
CA ARG D 47 -20.41 7.60 3.05
C ARG D 47 -20.28 6.07 2.81
N ARG D 48 -19.31 5.37 3.46
CA ARG D 48 -19.15 3.90 3.32
C ARG D 48 -19.89 3.20 4.42
N THR D 49 -20.50 2.07 4.05
CA THR D 49 -21.16 1.29 5.07
C THR D 49 -20.11 0.40 5.71
N ASN D 50 -20.52 -0.38 6.68
CA ASN D 50 -19.57 -1.28 7.28
C ASN D 50 -19.29 -2.52 6.43
N ASP D 51 -20.17 -2.82 5.50
CA ASP D 51 -19.87 -3.99 4.75
C ASP D 51 -19.34 -3.59 3.42
N GLY D 52 -18.78 -2.39 3.42
CA GLY D 52 -18.13 -1.90 2.25
C GLY D 52 -18.92 -1.23 1.14
N LYS D 53 -20.19 -1.03 1.33
CA LYS D 53 -20.83 -0.31 0.24
C LYS D 53 -20.75 1.22 0.36
N CYS D 54 -21.12 1.82 -0.76
CA CYS D 54 -21.18 3.28 -0.83
C CYS D 54 -22.66 3.87 -0.89
N ILE D 55 -23.03 4.66 0.19
CA ILE D 55 -24.39 5.31 0.26
C ILE D 55 -24.44 6.85 0.37
N PRO D 56 -25.59 7.48 0.12
CA PRO D 56 -25.72 8.91 0.31
C PRO D 56 -25.82 9.09 1.82
N ALA D 57 -25.18 10.17 2.36
CA ALA D 57 -25.10 10.45 3.77
C ALA D 57 -26.42 10.54 4.53
N SER D 58 -27.47 10.98 3.80
CA SER D 58 -28.84 11.05 4.35
C SER D 58 -29.39 9.68 4.66
N GLN D 59 -29.06 8.68 3.86
CA GLN D 59 -29.54 7.34 4.13
C GLN D 59 -28.79 6.71 5.29
N CYS D 60 -27.93 7.45 5.97
CA CYS D 60 -27.24 6.80 7.05
C CYS D 60 -28.23 6.45 8.14
N PRO D 61 -27.82 5.79 9.21
CA PRO D 61 -28.66 5.52 10.35
C PRO D 61 -28.34 6.47 11.51
#